data_5R25
#
_entry.id   5R25
#
_cell.length_a   45.210
_cell.length_b   72.990
_cell.length_c   52.569
_cell.angle_alpha   90.000
_cell.angle_beta   109.320
_cell.angle_gamma   90.000
#
_symmetry.space_group_name_H-M   'P 1 21 1'
#
loop_
_entity.id
_entity.type
_entity.pdbx_description
1 polymer Endothiapepsin
2 non-polymer 4-[(methylamino)methyl]phenol
3 non-polymer 'ACETATE ION'
4 water water
#
_entity_poly.entity_id   1
_entity_poly.type   'polypeptide(L)'
_entity_poly.pdbx_seq_one_letter_code
;MSSPLKNALVTAMLAGGALSSPTKQHVGIPVNASPEVGPGKYSFKQVRNPNYKFNGPLSVKKTYLKYGVPIPAWLEDAVQ
NSTSGLAERSTGSATTTPIDSLDDAYITPVQIGTPAQTLNLDFDTGSSDLWVFSSETTASEVDGQTIYTPSKSTTAKLLS
GATWSISYGDGSSSSGDVYTDTVSVGGLTVTGQAVESAKKVSSSFTEDSTIDGLLGLAFSTLNTVSPTQQKTFFDNAKAS
LDSPVFTADLGYHAPGTYNFGFIDTTAYTGSITYTAVSTKQGFWEWTSTGYAVGSGTFKSTSIDGIADTGTTLLYLPATV
VSAYWAQVSGAKSSSSVGGYVFPCSATLPSFTFGVGSARIVIPGDYIDFGPISTGSSSCFGGIQSSAGIGINIFGDVALK
AAFVVFNGATTPTLGFASK
;
_entity_poly.pdbx_strand_id   A
#
loop_
_chem_comp.id
_chem_comp.type
_chem_comp.name
_chem_comp.formula
ACT non-polymer 'ACETATE ION' 'C2 H3 O2 -1'
RBJ non-polymer 4-[(methylamino)methyl]phenol 'C8 H11 N O'
#
# COMPACT_ATOMS: atom_id res chain seq x y z
N SER A 90 -11.33 -19.69 -8.57
CA SER A 90 -9.97 -19.36 -9.02
C SER A 90 -9.18 -18.72 -7.89
N THR A 91 -7.87 -18.70 -8.07
CA THR A 91 -6.95 -18.00 -7.19
C THR A 91 -5.84 -17.36 -8.01
N GLY A 92 -5.12 -16.45 -7.38
CA GLY A 92 -3.86 -15.98 -7.92
C GLY A 92 -2.85 -15.78 -6.81
N SER A 93 -1.57 -15.79 -7.17
CA SER A 93 -0.50 -15.61 -6.21
C SER A 93 0.68 -14.97 -6.92
N ALA A 94 1.13 -13.81 -6.46
CA ALA A 94 2.22 -13.10 -7.10
C ALA A 94 3.20 -12.60 -6.05
N THR A 95 4.46 -12.64 -6.39
CA THR A 95 5.49 -12.10 -5.54
C THR A 95 5.57 -10.59 -5.70
N THR A 96 5.73 -9.90 -4.58
CA THR A 96 5.91 -8.46 -4.55
C THR A 96 7.31 -8.17 -4.01
N THR A 97 8.00 -7.21 -4.63
CA THR A 97 9.43 -7.02 -4.40
C THR A 97 9.68 -5.56 -4.04
N PRO A 98 10.47 -5.28 -2.99
CA PRO A 98 10.79 -3.88 -2.68
CA PRO A 98 10.79 -3.88 -2.69
C PRO A 98 11.51 -3.22 -3.85
N ILE A 99 11.20 -1.94 -4.07
CA ILE A 99 11.82 -1.21 -5.15
C ILE A 99 13.24 -0.76 -4.83
N ASP A 100 13.61 -0.74 -3.56
CA ASP A 100 14.91 -0.24 -3.14
C ASP A 100 15.25 -0.86 -1.80
N SER A 101 16.41 -0.48 -1.27
CA SER A 101 16.94 -1.10 -0.06
C SER A 101 16.22 -0.65 1.20
N LEU A 102 15.32 0.34 1.10
CA LEU A 102 14.59 0.86 2.24
C LEU A 102 13.16 0.35 2.30
N ASP A 103 12.73 -0.46 1.33
CA ASP A 103 11.33 -0.86 1.23
C ASP A 103 10.43 0.37 1.05
N ASP A 104 10.83 1.32 0.21
CA ASP A 104 10.00 2.50 0.03
C ASP A 104 8.66 2.18 -0.61
N ALA A 105 8.55 1.18 -1.41
CA ALA A 105 7.30 0.77 -2.07
C ALA A 105 7.56 -0.66 -2.55
N TYR A 106 6.52 -1.37 -2.94
CA TYR A 106 6.67 -2.75 -3.44
C TYR A 106 6.05 -2.78 -4.81
N ILE A 107 6.68 -3.41 -5.82
CA ILE A 107 6.08 -3.52 -7.19
C ILE A 107 5.78 -4.99 -7.48
N THR A 108 4.69 -5.29 -8.12
CA THR A 108 4.31 -6.68 -8.29
C THR A 108 4.08 -6.76 -9.74
N PRO A 109 4.52 -7.91 -10.57
CA PRO A 109 4.32 -7.99 -12.02
C PRO A 109 2.86 -8.28 -12.33
N VAL A 110 2.36 -7.59 -13.36
CA VAL A 110 0.99 -7.70 -13.81
C VAL A 110 0.99 -7.84 -15.33
N GLN A 111 0.27 -8.83 -15.84
CA GLN A 111 0.16 -9.07 -17.27
C GLN A 111 -1.07 -8.33 -17.81
N ILE A 112 -0.86 -7.48 -18.80
CA ILE A 112 -1.93 -6.68 -19.40
C ILE A 112 -1.96 -6.94 -20.90
N GLY A 113 -3.13 -7.29 -21.42
CA GLY A 113 -3.27 -7.37 -22.86
C GLY A 113 -2.92 -8.72 -23.45
N THR A 114 -3.05 -8.77 -24.78
CA THR A 114 -2.82 -9.97 -25.56
C THR A 114 -2.03 -9.62 -26.82
N PRO A 115 -0.82 -10.15 -27.01
CA PRO A 115 -0.05 -10.92 -26.03
C PRO A 115 0.23 -10.09 -24.78
N ALA A 116 0.59 -10.77 -23.70
CA ALA A 116 0.78 -10.08 -22.44
C ALA A 116 1.88 -9.04 -22.54
N GLN A 117 1.63 -7.90 -21.93
CA GLN A 117 2.63 -6.87 -21.63
C GLN A 117 2.75 -6.85 -20.11
N THR A 118 3.93 -7.19 -19.60
CA THR A 118 4.12 -7.28 -18.16
C THR A 118 4.66 -5.94 -17.65
N LEU A 119 3.91 -5.33 -16.75
CA LEU A 119 4.29 -4.11 -16.07
C LEU A 119 4.39 -4.37 -14.58
N ASN A 120 5.30 -3.63 -13.88
CA ASN A 120 5.55 -3.68 -12.42
C ASN A 120 4.71 -2.59 -11.72
N LEU A 121 3.57 -2.99 -11.15
CA LEU A 121 2.63 -2.04 -10.54
C LEU A 121 2.70 -2.16 -9.03
N ASP A 122 2.30 -1.09 -8.40
CA ASP A 122 2.29 -0.96 -6.94
C ASP A 122 0.89 -1.20 -6.48
N PHE A 123 0.68 -2.28 -5.79
CA PHE A 123 -0.65 -2.67 -5.35
C PHE A 123 -0.93 -1.71 -4.21
N ASP A 124 -2.00 -0.94 -4.33
CA ASP A 124 -2.29 0.14 -3.39
C ASP A 124 -3.63 -0.17 -2.76
N THR A 125 -3.64 -0.56 -1.47
CA THR A 125 -4.93 -0.71 -0.80
C THR A 125 -5.53 0.62 -0.33
N GLY A 126 -4.86 1.74 -0.57
CA GLY A 126 -5.40 3.06 -0.30
C GLY A 126 -5.92 3.82 -1.50
N SER A 127 -6.03 3.19 -2.67
CA SER A 127 -6.65 3.85 -3.82
C SER A 127 -7.32 2.78 -4.67
N SER A 128 -8.02 3.21 -5.73
CA SER A 128 -8.92 2.33 -6.44
C SER A 128 -8.84 2.46 -7.95
N ASP A 129 -7.71 2.95 -8.46
CA ASP A 129 -7.47 3.06 -9.89
C ASP A 129 -6.31 2.14 -10.27
N LEU A 130 -6.47 1.43 -11.37
CA LEU A 130 -5.39 0.67 -11.99
C LEU A 130 -4.94 1.52 -13.16
N TRP A 131 -3.79 2.17 -13.02
CA TRP A 131 -3.30 3.04 -14.06
C TRP A 131 -1.86 2.69 -14.38
N VAL A 132 -1.48 2.97 -15.62
CA VAL A 132 -0.18 2.57 -16.14
C VAL A 132 0.45 3.66 -16.97
N PHE A 133 1.78 3.71 -16.92
CA PHE A 133 2.55 4.37 -17.96
C PHE A 133 2.21 3.71 -19.29
N SER A 134 2.17 4.50 -20.35
CA SER A 134 1.65 3.98 -21.60
C SER A 134 2.32 4.66 -22.78
N SER A 135 2.00 4.14 -23.97
CA SER A 135 2.40 4.80 -25.21
C SER A 135 1.78 6.17 -25.37
N GLU A 136 0.78 6.50 -24.54
CA GLU A 136 0.14 7.81 -24.58
C GLU A 136 0.76 8.78 -23.59
N THR A 137 1.63 8.33 -22.70
CA THR A 137 2.21 9.22 -21.72
C THR A 137 3.16 10.20 -22.39
N THR A 138 3.00 11.48 -22.08
CA THR A 138 3.88 12.53 -22.55
C THR A 138 5.32 12.04 -22.50
N ALA A 139 6.02 12.10 -23.65
CA ALA A 139 7.31 11.41 -23.74
C ALA A 139 8.32 11.93 -22.72
N SER A 140 8.33 13.24 -22.47
CA SER A 140 9.28 13.80 -21.52
C SER A 140 9.01 13.38 -20.08
N GLU A 141 7.86 12.78 -19.81
CA GLU A 141 7.49 12.32 -18.48
C GLU A 141 7.74 10.84 -18.28
N VAL A 142 8.32 10.17 -19.28
CA VAL A 142 8.69 8.77 -19.19
C VAL A 142 10.21 8.70 -19.13
N ASP A 143 10.73 8.01 -18.12
CA ASP A 143 12.18 7.89 -17.95
C ASP A 143 12.48 6.50 -17.35
N GLY A 144 12.43 5.49 -18.20
CA GLY A 144 12.84 4.15 -17.83
C GLY A 144 11.72 3.19 -17.48
N GLN A 145 10.49 3.68 -17.31
CA GLN A 145 9.38 2.80 -17.00
C GLN A 145 9.05 1.94 -18.21
N THR A 146 8.48 0.78 -17.93
CA THR A 146 7.88 -0.04 -18.97
C THR A 146 6.48 0.48 -19.24
N ILE A 147 6.13 0.60 -20.51
CA ILE A 147 4.87 1.19 -20.91
C ILE A 147 3.92 0.13 -21.47
N TYR A 148 2.63 0.37 -21.25
CA TYR A 148 1.56 -0.37 -21.91
C TYR A 148 1.23 0.31 -23.23
N THR A 149 1.20 -0.47 -24.31
CA THR A 149 0.85 0.04 -25.64
C THR A 149 -0.46 -0.64 -26.05
N PRO A 150 -1.60 0.01 -25.87
CA PRO A 150 -2.86 -0.67 -26.18
C PRO A 150 -2.99 -1.07 -27.63
N SER A 151 -2.39 -0.33 -28.56
CA SER A 151 -2.50 -0.67 -29.97
C SER A 151 -1.83 -2.00 -30.31
N LYS A 152 -0.99 -2.52 -29.43
CA LYS A 152 -0.35 -3.83 -29.62
C LYS A 152 -1.11 -4.95 -28.94
N SER A 153 -2.22 -4.66 -28.27
CA SER A 153 -3.00 -5.67 -27.59
C SER A 153 -4.28 -5.92 -28.37
N THR A 154 -4.48 -7.16 -28.79
CA THR A 154 -5.64 -7.50 -29.59
C THR A 154 -6.93 -7.47 -28.78
N THR A 155 -6.83 -7.44 -27.44
CA THR A 155 -8.00 -7.42 -26.57
C THR A 155 -8.27 -6.04 -25.99
N ALA A 156 -7.45 -5.04 -26.30
CA ALA A 156 -7.68 -3.71 -25.77
C ALA A 156 -8.81 -3.03 -26.53
N LYS A 157 -9.64 -2.29 -25.80
CA LYS A 157 -10.69 -1.49 -26.41
CA LYS A 157 -10.71 -1.50 -26.39
C LYS A 157 -10.76 -0.16 -25.68
N LEU A 158 -10.75 0.93 -26.44
CA LEU A 158 -10.92 2.25 -25.81
C LEU A 158 -12.26 2.27 -25.12
N LEU A 159 -12.29 2.76 -23.89
CA LEU A 159 -13.54 3.01 -23.18
C LEU A 159 -13.93 4.44 -23.54
N SER A 160 -14.85 4.55 -24.49
CA SER A 160 -15.09 5.82 -25.15
CA SER A 160 -15.10 5.82 -25.16
C SER A 160 -15.59 6.86 -24.18
N GLY A 161 -14.94 8.02 -24.19
CA GLY A 161 -15.34 9.15 -23.39
C GLY A 161 -14.82 9.14 -21.97
N ALA A 162 -14.17 8.07 -21.54
CA ALA A 162 -13.79 7.94 -20.15
C ALA A 162 -12.44 8.60 -19.92
N THR A 163 -12.35 9.35 -18.83
CA THR A 163 -11.10 9.94 -18.40
C THR A 163 -10.92 9.70 -16.92
N TRP A 164 -9.71 9.92 -16.45
CA TRP A 164 -9.41 9.72 -15.04
C TRP A 164 -8.37 10.73 -14.63
N SER A 165 -8.33 11.01 -13.32
CA SER A 165 -7.38 11.96 -12.77
C SER A 165 -7.33 11.72 -11.28
N ILE A 166 -6.13 11.53 -10.74
CA ILE A 166 -5.98 11.15 -9.35
C ILE A 166 -4.82 11.92 -8.74
N SER A 167 -4.94 12.22 -7.46
CA SER A 167 -3.88 12.84 -6.67
C SER A 167 -3.63 11.95 -5.47
N TYR A 168 -2.35 11.87 -5.06
CA TYR A 168 -1.89 11.03 -3.91
C TYR A 168 -1.53 11.98 -2.74
N GLY A 169 -1.30 11.40 -1.57
CA GLY A 169 -1.05 12.14 -0.33
C GLY A 169 0.24 12.93 -0.36
N ASP A 170 1.20 12.53 -1.19
CA ASP A 170 2.53 13.16 -1.30
C ASP A 170 2.54 14.31 -2.31
N GLY A 171 1.41 14.67 -2.92
CA GLY A 171 1.27 15.78 -3.86
C GLY A 171 1.44 15.34 -5.29
N SER A 172 1.74 14.06 -5.54
CA SER A 172 1.90 13.51 -6.90
C SER A 172 0.52 13.24 -7.49
N SER A 173 0.49 13.04 -8.80
CA SER A 173 -0.76 12.93 -9.52
C SER A 173 -0.51 12.34 -10.90
N SER A 174 -1.60 11.88 -11.52
CA SER A 174 -1.55 11.36 -12.87
C SER A 174 -2.97 11.42 -13.44
N SER A 175 -3.07 11.35 -14.76
CA SER A 175 -4.37 11.45 -15.41
C SER A 175 -4.27 10.90 -16.83
N GLY A 176 -5.43 10.58 -17.41
CA GLY A 176 -5.42 10.11 -18.79
C GLY A 176 -6.76 9.60 -19.24
N ASP A 177 -6.71 8.64 -20.15
CA ASP A 177 -7.91 8.01 -20.70
C ASP A 177 -7.91 6.53 -20.32
N VAL A 178 -8.86 5.76 -20.86
CA VAL A 178 -9.14 4.44 -20.31
C VAL A 178 -9.37 3.45 -21.42
N TYR A 179 -8.79 2.26 -21.25
CA TYR A 179 -9.04 1.11 -22.09
C TYR A 179 -9.60 0.01 -21.20
N THR A 180 -10.33 -0.91 -21.80
CA THR A 180 -10.55 -2.18 -21.14
C THR A 180 -9.65 -3.22 -21.79
N ASP A 181 -9.15 -4.14 -20.97
CA ASP A 181 -8.26 -5.17 -21.48
C ASP A 181 -8.23 -6.31 -20.46
N THR A 182 -7.59 -7.39 -20.87
CA THR A 182 -7.38 -8.54 -19.99
C THR A 182 -6.20 -8.28 -19.09
N VAL A 183 -6.40 -8.50 -17.80
CA VAL A 183 -5.36 -8.26 -16.79
C VAL A 183 -5.23 -9.52 -15.95
N SER A 184 -4.00 -10.00 -15.80
CA SER A 184 -3.75 -11.17 -14.97
C SER A 184 -2.72 -10.85 -13.91
N VAL A 185 -2.97 -11.34 -12.70
CA VAL A 185 -2.06 -11.20 -11.57
C VAL A 185 -1.82 -12.59 -11.01
N GLY A 186 -0.59 -13.06 -11.08
CA GLY A 186 -0.27 -14.31 -10.43
C GLY A 186 -1.12 -15.47 -10.88
N GLY A 187 -1.52 -15.47 -12.15
CA GLY A 187 -2.35 -16.54 -12.70
C GLY A 187 -3.84 -16.32 -12.62
N LEU A 188 -4.30 -15.26 -11.97
CA LEU A 188 -5.71 -14.91 -11.90
C LEU A 188 -6.01 -13.89 -12.98
N THR A 189 -6.98 -14.19 -13.85
CA THR A 189 -7.27 -13.36 -15.00
C THR A 189 -8.64 -12.71 -14.88
N VAL A 190 -8.68 -11.41 -15.17
CA VAL A 190 -9.91 -10.64 -15.29
C VAL A 190 -10.00 -10.13 -16.72
N THR A 191 -11.11 -10.39 -17.38
CA THR A 191 -11.36 -9.78 -18.67
C THR A 191 -12.17 -8.50 -18.49
N GLY A 192 -11.97 -7.56 -19.40
CA GLY A 192 -12.70 -6.31 -19.34
C GLY A 192 -12.31 -5.40 -18.20
N GLN A 193 -11.10 -5.54 -17.68
CA GLN A 193 -10.64 -4.66 -16.62
C GLN A 193 -10.36 -3.27 -17.19
N ALA A 194 -10.78 -2.24 -16.46
CA ALA A 194 -10.41 -0.88 -16.82
C ALA A 194 -8.94 -0.67 -16.53
N VAL A 195 -8.18 -0.36 -17.57
CA VAL A 195 -6.76 -0.05 -17.52
C VAL A 195 -6.65 1.41 -17.87
N GLU A 196 -6.28 2.22 -16.89
CA GLU A 196 -6.26 3.67 -17.05
C GLU A 196 -4.89 4.05 -17.58
N SER A 197 -4.86 4.58 -18.79
CA SER A 197 -3.63 4.89 -19.50
C SER A 197 -3.25 6.34 -19.20
N ALA A 198 -2.05 6.54 -18.66
CA ALA A 198 -1.63 7.88 -18.30
C ALA A 198 -1.25 8.67 -19.55
N LYS A 199 -1.83 9.85 -19.67
CA LYS A 199 -1.33 10.85 -20.58
C LYS A 199 -0.34 11.77 -19.90
N LYS A 200 -0.51 11.99 -18.60
CA LYS A 200 0.33 12.88 -17.81
C LYS A 200 0.60 12.21 -16.48
N VAL A 201 1.84 12.33 -16.02
CA VAL A 201 2.21 11.94 -14.68
C VAL A 201 3.07 13.04 -14.09
N SER A 202 3.05 13.22 -12.78
CA SER A 202 3.82 14.28 -12.11
C SER A 202 5.29 13.87 -11.95
N SER A 203 6.14 14.79 -11.50
CA SER A 203 7.61 14.65 -11.48
C SER A 203 8.09 13.43 -10.67
N SER A 204 7.53 13.14 -9.51
CA SER A 204 7.98 12.00 -8.69
C SER A 204 7.61 10.65 -9.36
N PHE A 205 6.66 10.62 -10.31
CA PHE A 205 6.41 9.40 -11.12
C PHE A 205 7.53 9.31 -12.16
N THR A 206 7.79 10.40 -12.88
CA THR A 206 8.85 10.41 -13.93
C THR A 206 10.21 10.01 -13.32
N GLU A 207 10.52 10.53 -12.14
CA GLU A 207 11.80 10.34 -11.43
C GLU A 207 12.03 8.92 -10.93
N ASP A 208 10.99 8.09 -10.80
CA ASP A 208 11.20 6.70 -10.31
C ASP A 208 10.93 5.77 -11.51
N SER A 209 11.94 5.06 -12.01
CA SER A 209 11.74 4.15 -13.16
C SER A 209 11.25 2.77 -12.69
N THR A 210 11.13 2.49 -11.40
CA THR A 210 10.76 1.13 -10.97
C THR A 210 9.26 0.91 -10.87
N ILE A 211 8.54 1.98 -10.80
CA ILE A 211 7.03 1.93 -10.70
C ILE A 211 6.39 2.20 -12.08
N ASP A 212 5.78 1.16 -12.72
CA ASP A 212 5.15 1.33 -14.03
C ASP A 212 3.69 1.74 -13.93
N GLY A 213 3.19 1.98 -12.70
CA GLY A 213 1.85 2.47 -12.39
C GLY A 213 1.30 1.76 -11.15
N LEU A 214 0.02 1.94 -10.83
CA LEU A 214 -0.56 1.43 -9.57
C LEU A 214 -1.76 0.55 -9.84
N LEU A 215 -1.98 -0.39 -8.94
CA LEU A 215 -3.14 -1.28 -9.08
C LEU A 215 -3.89 -1.12 -7.78
N GLY A 216 -4.97 -0.30 -7.77
CA GLY A 216 -5.71 0.04 -6.57
C GLY A 216 -6.52 -1.13 -6.04
N LEU A 217 -6.53 -1.25 -4.72
CA LEU A 217 -7.23 -2.32 -4.02
C LEU A 217 -8.11 -1.81 -2.89
N ALA A 218 -8.36 -0.51 -2.83
CA ALA A 218 -9.39 0.04 -1.96
C ALA A 218 -10.76 -0.20 -2.59
N PHE A 219 -11.81 0.40 -2.04
CA PHE A 219 -13.14 0.12 -2.53
C PHE A 219 -13.42 0.90 -3.82
N SER A 220 -14.22 0.30 -4.70
CA SER A 220 -14.40 0.88 -6.02
C SER A 220 -15.10 2.24 -5.98
N THR A 221 -15.75 2.58 -4.87
CA THR A 221 -16.34 3.91 -4.71
C THR A 221 -15.31 5.02 -4.83
N LEU A 222 -14.00 4.74 -4.66
CA LEU A 222 -12.98 5.76 -4.83
C LEU A 222 -12.44 5.85 -6.25
N ASN A 223 -12.85 4.97 -7.16
CA ASN A 223 -12.28 5.01 -8.50
C ASN A 223 -12.61 6.33 -9.17
N THR A 224 -11.63 6.90 -9.86
CA THR A 224 -11.77 8.26 -10.39
C THR A 224 -12.28 8.32 -11.82
N VAL A 225 -12.56 7.20 -12.48
CA VAL A 225 -12.96 7.28 -13.87
C VAL A 225 -14.29 7.99 -13.99
N SER A 226 -14.38 8.90 -14.97
CA SER A 226 -15.55 9.68 -15.25
C SER A 226 -15.86 9.55 -16.74
N PRO A 227 -17.14 9.50 -17.13
CA PRO A 227 -18.34 9.66 -16.31
C PRO A 227 -18.87 8.38 -15.71
N THR A 228 -18.25 7.25 -16.00
CA THR A 228 -18.70 5.95 -15.52
C THR A 228 -17.60 5.37 -14.65
N GLN A 229 -17.82 5.36 -13.34
CA GLN A 229 -16.84 4.83 -12.42
C GLN A 229 -16.60 3.35 -12.72
N GLN A 230 -15.35 2.92 -12.56
CA GLN A 230 -14.92 1.57 -12.89
C GLN A 230 -14.57 0.79 -11.64
N LYS A 231 -14.61 -0.54 -11.77
CA LYS A 231 -14.30 -1.44 -10.67
C LYS A 231 -12.83 -1.78 -10.59
N THR A 232 -12.37 -2.02 -9.36
CA THR A 232 -11.01 -2.48 -9.17
C THR A 232 -10.84 -3.91 -9.69
N PHE A 233 -9.58 -4.29 -9.86
CA PHE A 233 -9.24 -5.65 -10.22
C PHE A 233 -9.85 -6.65 -9.26
N PHE A 234 -9.76 -6.37 -7.96
CA PHE A 234 -10.31 -7.29 -6.96
C PHE A 234 -11.82 -7.38 -7.09
N ASP A 235 -12.50 -6.24 -7.25
CA ASP A 235 -13.95 -6.27 -7.39
C ASP A 235 -14.36 -7.07 -8.61
N ASN A 236 -13.64 -6.91 -9.73
CA ASN A 236 -13.98 -7.68 -10.91
C ASN A 236 -13.68 -9.16 -10.74
N ALA A 237 -12.63 -9.51 -10.00
CA ALA A 237 -12.26 -10.90 -9.83
C ALA A 237 -13.10 -11.63 -8.79
N LYS A 238 -13.74 -10.91 -7.87
N LYS A 238 -13.75 -10.88 -7.89
CA LYS A 238 -14.16 -11.55 -6.61
CA LYS A 238 -14.26 -11.43 -6.64
C LYS A 238 -15.22 -12.64 -6.82
C LYS A 238 -15.16 -12.62 -6.88
N ALA A 239 -16.11 -12.49 -7.81
CA ALA A 239 -17.10 -13.53 -8.02
C ALA A 239 -16.46 -14.84 -8.46
N SER A 240 -15.32 -14.77 -9.12
CA SER A 240 -14.64 -15.97 -9.60
C SER A 240 -13.75 -16.59 -8.55
N LEU A 241 -13.39 -15.84 -7.51
CA LEU A 241 -12.43 -16.33 -6.54
C LEU A 241 -13.02 -17.43 -5.67
N ASP A 242 -12.15 -18.34 -5.22
CA ASP A 242 -12.62 -19.37 -4.30
C ASP A 242 -13.21 -18.76 -3.05
N SER A 243 -12.61 -17.69 -2.55
CA SER A 243 -13.09 -16.93 -1.40
CA SER A 243 -13.09 -16.93 -1.40
C SER A 243 -12.84 -15.47 -1.73
N PRO A 244 -13.74 -14.56 -1.30
CA PRO A 244 -13.65 -13.15 -1.72
C PRO A 244 -12.66 -12.35 -0.88
N VAL A 245 -11.39 -12.73 -0.98
CA VAL A 245 -10.34 -12.20 -0.13
C VAL A 245 -9.08 -11.99 -0.95
N PHE A 246 -8.23 -11.10 -0.46
CA PHE A 246 -6.85 -11.07 -0.87
C PHE A 246 -6.00 -10.87 0.36
N THR A 247 -4.73 -11.26 0.29
CA THR A 247 -3.85 -11.15 1.43
C THR A 247 -2.56 -10.44 1.01
N ALA A 248 -2.04 -9.65 1.93
CA ALA A 248 -0.77 -8.96 1.77
C ALA A 248 0.22 -9.50 2.78
N ASP A 249 1.35 -9.98 2.28
CA ASP A 249 2.43 -10.53 3.09
C ASP A 249 3.70 -9.85 2.63
N LEU A 250 3.91 -8.62 3.09
CA LEU A 250 5.04 -7.82 2.64
C LEU A 250 6.29 -8.21 3.41
N GLY A 251 7.43 -8.23 2.72
CA GLY A 251 8.68 -8.58 3.33
C GLY A 251 9.42 -7.38 3.89
N TYR A 252 10.25 -7.63 4.89
CA TYR A 252 11.19 -6.65 5.40
C TYR A 252 12.49 -6.86 4.66
N HIS A 253 12.85 -5.88 3.83
CA HIS A 253 14.07 -5.94 3.03
C HIS A 253 14.13 -7.25 2.25
N ALA A 254 12.98 -7.68 1.74
CA ALA A 254 12.88 -8.97 1.07
C ALA A 254 11.56 -9.01 0.31
N PRO A 255 11.45 -9.87 -0.69
CA PRO A 255 10.16 -10.04 -1.36
C PRO A 255 9.11 -10.65 -0.44
N GLY A 256 7.86 -10.46 -0.84
CA GLY A 256 6.71 -11.02 -0.17
C GLY A 256 5.69 -11.47 -1.19
N THR A 257 4.43 -11.56 -0.79
CA THR A 257 3.41 -12.19 -1.62
C THR A 257 2.07 -11.48 -1.48
N TYR A 258 1.39 -11.31 -2.61
CA TYR A 258 -0.04 -11.00 -2.67
C TYR A 258 -0.77 -12.23 -3.19
N ASN A 259 -1.71 -12.74 -2.41
CA ASN A 259 -2.57 -13.83 -2.83
C ASN A 259 -4.00 -13.34 -2.99
N PHE A 260 -4.68 -13.92 -3.97
CA PHE A 260 -6.08 -13.62 -4.24
C PHE A 260 -6.88 -14.90 -4.17
N GLY A 261 -7.94 -14.90 -3.36
CA GLY A 261 -8.89 -15.98 -3.36
C GLY A 261 -8.67 -17.06 -2.34
N PHE A 262 -7.59 -16.99 -1.57
CA PHE A 262 -7.32 -18.02 -0.59
C PHE A 262 -6.40 -17.46 0.48
N ILE A 263 -6.42 -18.11 1.64
N ILE A 263 -6.49 -18.08 1.66
CA ILE A 263 -5.57 -17.75 2.78
CA ILE A 263 -5.60 -17.84 2.78
C ILE A 263 -4.57 -18.88 2.97
C ILE A 263 -4.55 -18.94 2.77
N ASP A 264 -3.29 -18.55 2.77
CA ASP A 264 -2.19 -19.51 2.88
C ASP A 264 -1.91 -19.71 4.36
N THR A 265 -2.42 -20.82 4.90
CA THR A 265 -2.27 -21.04 6.33
C THR A 265 -0.84 -21.38 6.74
N THR A 266 0.08 -21.55 5.79
CA THR A 266 1.48 -21.74 6.13
C THR A 266 2.25 -20.43 6.21
N ALA A 267 1.61 -19.31 5.92
CA ALA A 267 2.32 -18.04 5.79
C ALA A 267 2.32 -17.20 7.05
N TYR A 268 1.73 -17.69 8.13
CA TYR A 268 1.66 -16.91 9.36
C TYR A 268 1.77 -17.87 10.53
N THR A 269 2.04 -17.31 11.70
CA THR A 269 2.09 -18.06 12.95
C THR A 269 0.83 -17.74 13.76
N GLY A 270 0.48 -18.63 14.67
CA GLY A 270 -0.66 -18.40 15.51
C GLY A 270 -1.94 -18.28 14.70
N SER A 271 -2.84 -17.44 15.18
N SER A 271 -2.84 -17.44 15.19
CA SER A 271 -4.15 -17.27 14.56
CA SER A 271 -4.15 -17.24 14.59
C SER A 271 -4.29 -15.88 13.97
C SER A 271 -4.24 -15.88 13.92
N ILE A 272 -5.23 -15.75 13.04
CA ILE A 272 -5.57 -14.47 12.43
C ILE A 272 -6.66 -13.85 13.28
N THR A 273 -6.46 -12.61 13.72
CA THR A 273 -7.49 -11.86 14.43
C THR A 273 -8.16 -10.91 13.46
N TYR A 274 -9.47 -11.06 13.32
CA TYR A 274 -10.26 -10.23 12.43
C TYR A 274 -10.88 -9.07 13.20
N THR A 275 -11.03 -7.96 12.50
CA THR A 275 -11.51 -6.72 13.08
C THR A 275 -12.39 -6.01 12.06
N ALA A 276 -13.33 -5.23 12.58
CA ALA A 276 -14.34 -4.60 11.73
C ALA A 276 -13.74 -3.52 10.83
N VAL A 277 -14.35 -3.35 9.67
CA VAL A 277 -13.96 -2.35 8.69
C VAL A 277 -15.13 -1.42 8.45
N SER A 278 -14.84 -0.12 8.35
CA SER A 278 -15.76 0.85 7.82
C SER A 278 -15.36 1.18 6.39
N THR A 279 -16.31 1.08 5.46
CA THR A 279 -16.06 1.45 4.08
C THR A 279 -16.57 2.85 3.74
N LYS A 280 -16.97 3.62 4.76
CA LYS A 280 -17.65 4.89 4.52
C LYS A 280 -16.77 5.90 3.79
N GLN A 281 -15.45 5.81 3.94
CA GLN A 281 -14.54 6.69 3.22
C GLN A 281 -13.89 6.01 2.03
N GLY A 282 -14.29 4.77 1.72
CA GLY A 282 -13.73 4.03 0.61
C GLY A 282 -12.46 3.27 0.91
N PHE A 283 -11.99 3.29 2.16
CA PHE A 283 -10.75 2.68 2.56
C PHE A 283 -11.01 1.42 3.39
N TRP A 284 -9.95 0.64 3.58
CA TRP A 284 -9.94 -0.44 4.55
C TRP A 284 -9.66 0.19 5.91
N GLU A 285 -10.69 0.80 6.48
CA GLU A 285 -10.59 1.60 7.69
C GLU A 285 -11.02 0.76 8.88
N TRP A 286 -10.20 0.77 9.93
CA TRP A 286 -10.40 -0.09 11.07
C TRP A 286 -9.95 0.67 12.31
N THR A 287 -10.10 0.06 13.48
CA THR A 287 -9.74 0.69 14.74
C THR A 287 -8.79 -0.22 15.50
N SER A 288 -7.55 0.21 15.63
CA SER A 288 -6.61 -0.48 16.50
C SER A 288 -6.99 -0.24 17.95
N THR A 289 -6.67 -1.22 18.79
CA THR A 289 -7.03 -1.18 20.20
C THR A 289 -5.94 -0.59 21.09
N GLY A 290 -4.79 -0.21 20.54
CA GLY A 290 -3.81 0.50 21.35
C GLY A 290 -2.39 0.22 20.89
N TYR A 291 -1.44 0.58 21.74
CA TYR A 291 -0.05 0.45 21.34
C TYR A 291 0.84 0.29 22.56
N ALA A 292 2.06 -0.19 22.28
CA ALA A 292 3.13 -0.17 23.25
C ALA A 292 4.41 0.25 22.55
N VAL A 293 5.31 0.86 23.32
CA VAL A 293 6.64 1.24 22.84
C VAL A 293 7.66 0.34 23.49
N GLY A 294 8.43 -0.38 22.69
CA GLY A 294 9.44 -1.26 23.23
C GLY A 294 8.82 -2.26 24.17
N SER A 295 9.47 -2.45 25.32
CA SER A 295 8.99 -3.37 26.34
CA SER A 295 9.00 -3.37 26.35
C SER A 295 8.02 -2.71 27.31
N GLY A 296 7.54 -1.52 26.99
CA GLY A 296 6.64 -0.79 27.86
C GLY A 296 5.25 -1.39 27.91
N THR A 297 4.46 -0.87 28.84
CA THR A 297 3.11 -1.37 29.03
C THR A 297 2.22 -0.96 27.86
N PHE A 298 1.26 -1.82 27.56
CA PHE A 298 0.32 -1.54 26.48
C PHE A 298 -0.68 -0.50 26.93
N LYS A 299 -0.87 0.51 26.09
CA LYS A 299 -1.84 1.57 26.29
C LYS A 299 -3.07 1.23 25.48
N SER A 300 -4.18 0.98 26.17
CA SER A 300 -5.44 0.70 25.50
C SER A 300 -6.07 2.01 25.08
N THR A 301 -6.24 2.19 23.79
CA THR A 301 -6.80 3.42 23.24
C THR A 301 -7.19 3.12 21.80
N SER A 302 -8.34 3.62 21.38
CA SER A 302 -8.83 3.37 20.04
C SER A 302 -8.14 4.28 19.05
N ILE A 303 -7.54 3.70 18.00
CA ILE A 303 -6.85 4.45 16.97
C ILE A 303 -7.47 4.04 15.63
N ASP A 304 -8.30 4.90 15.07
CA ASP A 304 -8.91 4.66 13.76
CA ASP A 304 -8.90 4.64 13.78
C ASP A 304 -7.88 4.95 12.69
N GLY A 305 -7.76 4.05 11.72
CA GLY A 305 -6.84 4.32 10.64
C GLY A 305 -7.11 3.39 9.47
N ILE A 306 -6.30 3.53 8.44
CA ILE A 306 -6.49 2.73 7.24
C ILE A 306 -5.30 1.79 7.02
N ALA A 307 -5.59 0.60 6.51
CA ALA A 307 -4.54 -0.32 6.08
C ALA A 307 -4.17 0.01 4.65
N ASP A 308 -2.97 0.55 4.43
CA ASP A 308 -2.61 1.16 3.15
C ASP A 308 -1.24 0.67 2.67
N THR A 309 -1.26 -0.31 1.77
CA THR A 309 -0.02 -0.85 1.24
C THR A 309 0.73 0.14 0.37
N GLY A 310 0.03 1.21 0.02
CA GLY A 310 0.62 2.24 -0.85
C GLY A 310 1.31 3.38 -0.14
N THR A 311 1.33 3.29 1.12
CA THR A 311 2.02 4.28 1.96
C THR A 311 3.18 3.56 2.65
N THR A 312 4.35 4.21 2.65
CA THR A 312 5.55 3.54 3.16
C THR A 312 5.53 3.42 4.68
N LEU A 313 5.17 4.51 5.36
CA LEU A 313 5.39 4.68 6.78
C LEU A 313 4.11 4.47 7.59
N LEU A 314 4.30 4.49 8.91
CA LEU A 314 3.21 4.39 9.87
C LEU A 314 2.92 5.78 10.42
N TYR A 315 1.72 6.29 10.16
CA TYR A 315 1.34 7.64 10.54
C TYR A 315 0.27 7.56 11.62
N LEU A 316 0.59 8.06 12.81
CA LEU A 316 -0.24 7.90 13.98
C LEU A 316 -0.40 9.24 14.69
N PRO A 317 -1.31 9.32 15.67
CA PRO A 317 -1.51 10.61 16.35
C PRO A 317 -0.24 11.09 17.01
N ALA A 318 -0.13 12.42 17.13
CA ALA A 318 1.09 13.03 17.62
C ALA A 318 1.44 12.56 19.01
N THR A 319 0.45 12.30 19.86
CA THR A 319 0.72 11.81 21.20
C THR A 319 1.47 10.48 21.15
N VAL A 320 1.00 9.56 20.31
CA VAL A 320 1.58 8.23 20.20
C VAL A 320 3.00 8.34 19.65
N VAL A 321 3.16 9.14 18.61
CA VAL A 321 4.45 9.27 17.95
C VAL A 321 5.47 9.91 18.88
N SER A 322 5.05 10.92 19.66
CA SER A 322 5.96 11.54 20.62
C SER A 322 6.40 10.52 21.66
N ALA A 323 5.45 9.69 22.14
CA ALA A 323 5.80 8.68 23.12
C ALA A 323 6.82 7.69 22.56
N TYR A 324 6.71 7.33 21.29
CA TYR A 324 7.69 6.44 20.68
C TYR A 324 9.07 7.09 20.64
N TRP A 325 9.17 8.27 20.03
CA TRP A 325 10.48 8.86 19.78
C TRP A 325 11.14 9.37 21.06
N ALA A 326 10.36 9.60 22.12
CA ALA A 326 10.94 9.94 23.41
C ALA A 326 11.84 8.84 23.95
N GLN A 327 11.69 7.61 23.46
CA GLN A 327 12.52 6.49 23.89
C GLN A 327 13.78 6.33 23.06
N VAL A 328 14.06 7.28 22.17
CA VAL A 328 15.24 7.23 21.30
C VAL A 328 16.07 8.47 21.61
N SER A 329 17.23 8.29 22.24
CA SER A 329 18.06 9.42 22.62
CA SER A 329 18.04 9.43 22.62
C SER A 329 18.45 10.23 21.39
N GLY A 330 18.18 11.53 21.43
CA GLY A 330 18.53 12.42 20.36
C GLY A 330 17.51 12.53 19.26
N ALA A 331 16.42 11.77 19.31
CA ALA A 331 15.40 11.90 18.29
C ALA A 331 14.62 13.19 18.50
N LYS A 332 14.20 13.79 17.39
CA LYS A 332 13.47 15.05 17.44
C LYS A 332 12.68 15.20 16.16
N SER A 333 11.64 16.01 16.23
CA SER A 333 10.90 16.37 15.04
C SER A 333 11.56 17.56 14.39
N SER A 334 11.89 17.42 13.12
CA SER A 334 12.56 18.44 12.34
C SER A 334 11.58 19.01 11.33
N SER A 335 11.25 20.30 11.49
CA SER A 335 10.38 20.94 10.50
CA SER A 335 10.39 20.95 10.52
C SER A 335 11.04 21.01 9.14
N SER A 336 12.37 21.19 9.10
CA SER A 336 13.06 21.33 7.83
C SER A 336 13.11 20.00 7.08
N VAL A 337 13.30 18.90 7.80
CA VAL A 337 13.33 17.60 7.14
C VAL A 337 11.92 17.11 6.83
N GLY A 338 10.95 17.43 7.68
CA GLY A 338 9.59 17.00 7.48
C GLY A 338 9.15 15.85 8.36
N GLY A 339 9.76 15.66 9.52
CA GLY A 339 9.29 14.66 10.45
C GLY A 339 10.36 14.36 11.48
N TYR A 340 10.11 13.29 12.21
CA TYR A 340 11.05 12.81 13.21
C TYR A 340 12.27 12.21 12.55
N VAL A 341 13.42 12.63 13.06
CA VAL A 341 14.72 12.11 12.70
C VAL A 341 15.39 11.63 13.98
N PHE A 342 16.40 10.79 13.81
CA PHE A 342 17.08 10.24 14.96
C PHE A 342 18.53 9.95 14.59
N PRO A 343 19.41 9.85 15.58
CA PRO A 343 20.82 9.57 15.26
C PRO A 343 20.94 8.20 14.63
N CYS A 344 21.69 8.11 13.52
CA CYS A 344 21.84 6.81 12.88
C CYS A 344 22.51 5.80 13.79
N SER A 345 23.23 6.24 14.82
CA SER A 345 23.87 5.35 15.78
C SER A 345 22.89 4.74 16.77
N ALA A 346 21.64 5.14 16.77
CA ALA A 346 20.69 4.62 17.74
C ALA A 346 20.23 3.22 17.38
N THR A 347 19.87 2.46 18.40
CA THR A 347 19.10 1.23 18.25
C THR A 347 17.64 1.56 18.58
N LEU A 348 16.73 1.28 17.65
CA LEU A 348 15.34 1.70 17.83
C LEU A 348 14.55 0.65 18.61
N PRO A 349 13.63 1.08 19.45
CA PRO A 349 12.73 0.14 20.11
C PRO A 349 11.66 -0.35 19.15
N SER A 350 11.09 -1.50 19.47
CA SER A 350 9.94 -1.98 18.73
C SER A 350 8.72 -1.10 19.01
N PHE A 351 7.69 -1.31 18.20
CA PHE A 351 6.41 -0.66 18.38
C PHE A 351 5.34 -1.72 18.20
N THR A 352 4.43 -1.85 19.16
CA THR A 352 3.36 -2.83 19.09
C THR A 352 2.04 -2.11 18.86
N PHE A 353 1.21 -2.65 17.97
CA PHE A 353 -0.15 -2.15 17.83
C PHE A 353 -1.15 -3.28 18.08
N GLY A 354 -2.31 -2.89 18.62
CA GLY A 354 -3.34 -3.85 18.96
C GLY A 354 -4.32 -4.09 17.82
N VAL A 355 -4.71 -5.35 17.67
CA VAL A 355 -5.77 -5.77 16.76
C VAL A 355 -6.68 -6.59 17.66
N GLY A 356 -7.81 -6.01 18.07
CA GLY A 356 -8.59 -6.67 19.10
C GLY A 356 -7.70 -6.96 20.30
N SER A 357 -7.78 -8.19 20.81
CA SER A 357 -6.94 -8.58 21.93
CA SER A 357 -6.95 -8.61 21.92
C SER A 357 -5.55 -9.05 21.49
N ALA A 358 -5.30 -9.11 20.19
CA ALA A 358 -4.02 -9.54 19.67
C ALA A 358 -3.07 -8.35 19.54
N ARG A 359 -1.80 -8.67 19.31
CA ARG A 359 -0.74 -7.68 19.28
C ARG A 359 0.17 -7.99 18.10
N ILE A 360 0.48 -6.97 17.31
CA ILE A 360 1.45 -7.08 16.23
C ILE A 360 2.66 -6.26 16.63
N VAL A 361 3.83 -6.86 16.61
CA VAL A 361 5.07 -6.21 17.01
C VAL A 361 5.88 -5.83 15.78
N ILE A 362 6.14 -4.54 15.64
CA ILE A 362 7.01 -4.02 14.59
C ILE A 362 8.41 -3.94 15.17
N PRO A 363 9.37 -4.73 14.69
CA PRO A 363 10.73 -4.62 15.23
C PRO A 363 11.31 -3.24 14.99
N GLY A 364 12.17 -2.82 15.91
CA GLY A 364 12.80 -1.51 15.77
C GLY A 364 13.46 -1.28 14.43
N ASP A 365 14.12 -2.31 13.88
N ASP A 365 14.12 -2.32 13.90
CA ASP A 365 14.83 -2.08 12.63
CA ASP A 365 14.82 -2.20 12.62
C ASP A 365 13.89 -1.75 11.48
C ASP A 365 13.87 -1.71 11.53
N TYR A 366 12.61 -2.12 11.58
CA TYR A 366 11.67 -1.77 10.53
C TYR A 366 11.37 -0.27 10.49
N ILE A 367 11.71 0.44 11.57
CA ILE A 367 11.40 1.85 11.74
C ILE A 367 12.54 2.73 11.27
N ASP A 368 13.65 2.14 10.82
CA ASP A 368 14.80 2.90 10.35
C ASP A 368 14.70 3.08 8.83
N PHE A 369 14.57 4.33 8.39
CA PHE A 369 14.54 4.65 6.99
C PHE A 369 15.80 5.34 6.51
N GLY A 370 16.88 5.22 7.28
CA GLY A 370 18.19 5.54 6.80
C GLY A 370 18.49 7.02 6.77
N PRO A 371 19.69 7.35 6.34
CA PRO A 371 20.13 8.75 6.35
C PRO A 371 19.20 9.66 5.56
N ILE A 372 19.01 10.87 6.08
CA ILE A 372 18.10 11.82 5.43
C ILE A 372 18.63 12.24 4.07
N SER A 373 19.95 12.24 3.92
CA SER A 373 20.65 12.48 2.67
C SER A 373 21.91 11.66 2.72
N THR A 374 22.48 11.36 1.56
CA THR A 374 23.64 10.47 1.52
C THR A 374 24.75 10.98 2.43
N GLY A 375 25.26 10.09 3.28
CA GLY A 375 26.35 10.41 4.17
C GLY A 375 25.96 11.06 5.46
N SER A 376 24.68 11.42 5.63
CA SER A 376 24.26 12.06 6.87
C SER A 376 24.22 11.04 8.00
N SER A 377 24.48 11.52 9.21
CA SER A 377 24.27 10.71 10.41
C SER A 377 22.92 10.94 11.06
N SER A 378 22.05 11.70 10.43
CA SER A 378 20.66 11.84 10.85
CA SER A 378 20.65 11.85 10.85
C SER A 378 19.82 10.93 9.99
N CYS A 379 19.03 10.09 10.64
CA CYS A 379 18.23 9.08 9.97
C CYS A 379 16.75 9.42 10.08
N PHE A 380 15.98 9.01 9.08
CA PHE A 380 14.57 9.33 9.04
C PHE A 380 13.74 8.23 9.69
N GLY A 381 12.79 8.63 10.54
CA GLY A 381 11.98 7.67 11.24
C GLY A 381 10.82 7.11 10.44
N GLY A 382 10.49 5.86 10.75
CA GLY A 382 9.41 5.17 10.07
C GLY A 382 8.05 5.31 10.70
N ILE A 383 7.98 5.94 11.87
CA ILE A 383 6.74 6.30 12.56
C ILE A 383 6.71 7.81 12.59
N GLN A 384 5.63 8.38 12.03
CA GLN A 384 5.52 9.82 11.88
C GLN A 384 4.12 10.25 12.29
N SER A 385 3.98 11.53 12.58
CA SER A 385 2.68 12.06 12.97
C SER A 385 1.72 12.15 11.80
N SER A 386 0.47 11.79 12.06
CA SER A 386 -0.60 11.97 11.11
C SER A 386 -1.29 13.32 11.25
N ALA A 387 -0.83 14.20 12.14
N ALA A 387 -0.83 14.19 12.15
CA ALA A 387 -1.43 15.51 12.27
CA ALA A 387 -1.60 15.38 12.49
C ALA A 387 -1.26 16.27 10.96
C ALA A 387 -1.94 16.21 11.25
N GLY A 388 -2.37 16.80 10.46
N GLY A 388 -1.03 16.30 10.28
CA GLY A 388 -2.39 17.49 9.19
CA GLY A 388 -1.25 17.07 9.08
C GLY A 388 -2.74 16.62 8.01
C GLY A 388 -1.96 16.34 7.96
N ILE A 389 -2.56 15.29 8.14
N ILE A 389 -2.36 15.09 8.17
CA ILE A 389 -2.99 14.37 7.10
CA ILE A 389 -2.98 14.27 7.13
C ILE A 389 -4.47 14.04 7.23
C ILE A 389 -4.50 14.27 7.24
N GLY A 390 -5.02 14.14 8.45
CA GLY A 390 -6.45 13.97 8.66
C GLY A 390 -6.88 12.54 8.87
N ILE A 391 -5.96 11.58 8.78
CA ILE A 391 -6.30 10.18 8.99
C ILE A 391 -5.02 9.48 9.43
N ASN A 392 -5.16 8.47 10.28
CA ASN A 392 -4.03 7.64 10.63
C ASN A 392 -3.86 6.56 9.56
N ILE A 393 -2.60 6.22 9.28
CA ILE A 393 -2.29 5.33 8.16
C ILE A 393 -1.37 4.23 8.63
N PHE A 394 -1.87 2.99 8.61
CA PHE A 394 -1.06 1.80 8.84
C PHE A 394 -0.47 1.42 7.48
N GLY A 395 0.65 2.05 7.16
CA GLY A 395 1.36 1.79 5.94
C GLY A 395 2.29 0.60 6.05
N ASP A 396 3.22 0.50 5.11
CA ASP A 396 4.04 -0.70 4.97
C ASP A 396 4.81 -1.04 6.24
N VAL A 397 5.31 -0.02 6.97
CA VAL A 397 6.04 -0.26 8.21
C VAL A 397 5.26 -1.17 9.13
N ALA A 398 3.95 -0.91 9.27
CA ALA A 398 3.10 -1.74 10.10
C ALA A 398 2.70 -3.03 9.39
N LEU A 399 2.27 -2.92 8.14
CA LEU A 399 1.71 -4.09 7.49
C LEU A 399 2.75 -5.18 7.27
N LYS A 400 4.01 -4.81 7.03
CA LYS A 400 5.04 -5.81 6.76
CA LYS A 400 5.01 -5.84 6.75
C LYS A 400 5.38 -6.65 7.98
N ALA A 401 4.97 -6.20 9.16
CA ALA A 401 5.13 -6.99 10.37
C ALA A 401 4.03 -8.04 10.53
N ALA A 402 3.08 -8.11 9.60
CA ALA A 402 1.94 -9.00 9.74
C ALA A 402 1.63 -9.71 8.43
N PHE A 403 0.85 -10.76 8.55
CA PHE A 403 0.10 -11.33 7.44
C PHE A 403 -1.29 -10.71 7.52
N VAL A 404 -1.71 -10.05 6.45
CA VAL A 404 -2.90 -9.22 6.48
C VAL A 404 -3.92 -9.74 5.49
N VAL A 405 -5.12 -10.00 5.99
CA VAL A 405 -6.24 -10.48 5.19
C VAL A 405 -7.19 -9.32 4.93
N PHE A 406 -7.43 -9.06 3.65
CA PHE A 406 -8.42 -8.09 3.20
C PHE A 406 -9.64 -8.91 2.78
N ASN A 407 -10.61 -9.01 3.67
CA ASN A 407 -11.78 -9.85 3.46
C ASN A 407 -12.87 -9.00 2.83
N GLY A 408 -13.13 -9.23 1.54
CA GLY A 408 -14.11 -8.50 0.77
C GLY A 408 -15.47 -9.16 0.67
N ALA A 409 -15.85 -9.92 1.69
CA ALA A 409 -17.21 -10.40 1.82
C ALA A 409 -18.18 -9.22 1.90
N THR A 410 -19.47 -9.55 1.85
CA THR A 410 -20.51 -8.52 1.82
C THR A 410 -20.32 -7.49 2.94
N THR A 411 -19.97 -7.96 4.13
CA THR A 411 -19.49 -7.07 5.18
C THR A 411 -17.99 -7.25 5.28
N PRO A 412 -17.19 -6.33 4.76
CA PRO A 412 -15.73 -6.54 4.77
C PRO A 412 -15.16 -6.52 6.18
N THR A 413 -14.05 -7.26 6.36
CA THR A 413 -13.28 -7.22 7.59
C THR A 413 -11.79 -7.27 7.23
N LEU A 414 -10.94 -6.95 8.20
N LEU A 414 -10.96 -7.15 8.25
CA LEU A 414 -9.50 -7.12 8.08
CA LEU A 414 -9.51 -7.08 8.10
C LEU A 414 -9.06 -8.17 9.07
C LEU A 414 -8.89 -8.01 9.13
N GLY A 415 -8.07 -8.95 8.68
CA GLY A 415 -7.42 -9.89 9.57
C GLY A 415 -5.93 -9.63 9.67
N PHE A 416 -5.38 -9.78 10.87
CA PHE A 416 -3.95 -9.66 11.09
C PHE A 416 -3.45 -10.87 11.85
N ALA A 417 -2.33 -11.42 11.39
CA ALA A 417 -1.60 -12.45 12.10
C ALA A 417 -0.12 -12.07 12.16
N SER A 418 0.55 -12.51 13.21
CA SER A 418 1.98 -12.47 13.24
C SER A 418 2.56 -13.48 12.25
N LYS A 419 3.83 -13.34 11.95
CA LYS A 419 4.46 -14.24 10.97
C LYS A 419 5.95 -14.38 11.22
C4 RBJ B . 3.73 5.34 -5.40
C5 RBJ B . 2.51 5.53 -4.78
C6 RBJ B . 1.95 6.81 -4.74
C7 RBJ B . 2.63 7.86 -5.32
O RBJ B . 1.90 4.51 -4.14
C3 RBJ B . 4.38 6.40 -5.98
C2 RBJ B . 3.84 7.67 -5.96
C1 RBJ B . 4.53 8.83 -6.64
N RBJ B . 5.29 9.71 -5.58
C RBJ B . 6.53 9.08 -5.08
C4 RBJ C . 8.09 5.59 -4.60
C5 RBJ C . 8.99 6.63 -4.60
C6 RBJ C . 9.18 7.37 -3.43
C7 RBJ C . 8.40 7.11 -2.32
O RBJ C . 9.67 6.94 -5.74
C3 RBJ C . 7.36 5.30 -3.46
C2 RBJ C . 7.47 6.08 -2.33
C1 RBJ C . 6.59 5.82 -1.14
N RBJ C . 5.68 7.01 -1.08
C RBJ C . 4.26 6.65 -1.03
C ACT D . 5.16 15.15 -7.35
O ACT D . 5.65 15.06 -6.26
OXT ACT D . 5.02 14.18 -8.15
CH3 ACT D . 4.71 16.47 -7.82
H1 ACT D . 3.74 16.46 -7.94
H2 ACT D . 5.13 16.68 -8.67
H3 ACT D . 4.95 17.15 -7.17
#